data_7VMB
#
_entry.id   7VMB
#
_cell.length_a   67.010
_cell.length_b   81.436
_cell.length_c   124.762
_cell.angle_alpha   90.000
_cell.angle_beta   90.000
_cell.angle_gamma   90.000
#
_symmetry.space_group_name_H-M   'P 21 21 21'
#
loop_
_entity.id
_entity.type
_entity.pdbx_description
1 polymer 'IQ motif and SEC7 domain-containing protein 1'
2 polymer 'IQ motif and SEC7 domain-containing protein 1'
3 polymer Calmodulin-1
4 non-polymer GLYCEROL
5 water water
#
loop_
_entity_poly.entity_id
_entity_poly.type
_entity_poly.pdbx_seq_one_letter_code
_entity_poly.pdbx_strand_id
1 'polypeptide(L)'
;GPGSEFAFSNDVIRKRHYRIGLNLFNKKPEKGVQYLIERGFVPDTPVGVAHFLLQRKGLSRQMIGEFLGNRQKQFNRDVL
DCVVDEMDFSTMELDEALRKFQAHIRVQGEAQKVERLIEAFSQRYCICNPGVVRQFRNPDTIFILAFAIILLNTDMYSPN
VKPERKMKLEDFIKNLRGVDDGEDIPREMLMGIYERIRKRELKTNEDHVSQVQKVEKLIVGKKPIGSLHPGLGCVLSLPH
RRLVCYCRLFEVPDPNKPQKLGLHQREIFLFNDLLVVTKIFQKKKNSVTYSFRQSFSLYGMQVLLFENQYYPNGIRLTSS
VPGADIKVLINFNAPNPQDRKKFTDDLRESIAEVQEMEKHRIESELEKQKGV
;
A
2 'polypeptide(L)' GPGSEFLSESYELSSDLQDKQVEMLERKYGGRLVTRHAARTIQTAFRQYQMNKNFERLRSSMSENRMSRRIVLS B
3 'polypeptide(L)'
;GPGSMADQLTEEQIAEFKEAFSLFDKDGDGTITTKELGTVMRSLGQNPTEAELQDMINEVDADGNGTIDFPEFLTMMARK
MKDTDSEEEIREAFRVFDKDGNGYISAAELRHVMTNLGEKLTDEEVDEMIREADIDGDGQVNYEEFVQMMTAK
;
C
#
loop_
_chem_comp.id
_chem_comp.type
_chem_comp.name
_chem_comp.formula
GOL non-polymer GLYCEROL 'C3 H8 O3'
#
# COMPACT_ATOMS: atom_id res chain seq x y z
N GLU A 5 -6.88 41.03 -4.41
CA GLU A 5 -6.14 41.28 -5.65
C GLU A 5 -4.77 40.55 -5.74
N PHE A 6 -4.16 40.24 -4.60
CA PHE A 6 -2.87 39.56 -4.57
C PHE A 6 -3.05 38.12 -4.09
N ALA A 7 -1.94 37.38 -4.03
CA ALA A 7 -1.98 36.02 -3.53
C ALA A 7 -2.47 36.00 -2.09
N PHE A 8 -3.16 34.92 -1.71
CA PHE A 8 -3.59 34.74 -0.33
C PHE A 8 -2.38 34.48 0.56
N SER A 9 -2.29 35.24 1.66
CA SER A 9 -1.28 34.96 2.66
C SER A 9 -1.47 33.57 3.24
N ASN A 10 -0.38 32.80 3.33
CA ASN A 10 -0.43 31.45 3.86
C ASN A 10 -0.38 31.48 5.38
N ASP A 11 -1.52 31.85 5.99
CA ASP A 11 -1.62 31.82 7.45
C ASP A 11 -2.09 30.45 7.93
N VAL A 12 -2.37 30.35 9.24
CA VAL A 12 -2.66 29.06 9.87
C VAL A 12 -3.92 28.44 9.27
N ILE A 13 -4.94 29.26 9.02
CA ILE A 13 -6.21 28.72 8.54
C ILE A 13 -6.07 28.27 7.10
N ARG A 14 -5.42 29.09 6.27
CA ARG A 14 -5.21 28.75 4.87
C ARG A 14 -4.36 27.48 4.73
N LYS A 15 -3.26 27.38 5.48
CA LYS A 15 -2.48 26.14 5.51
C LYS A 15 -3.32 24.94 5.94
N ARG A 16 -4.18 25.13 6.95
CA ARG A 16 -5.04 24.05 7.40
C ARG A 16 -5.95 23.55 6.28
N HIS A 17 -6.55 24.47 5.53
CA HIS A 17 -7.50 24.03 4.50
C HIS A 17 -6.77 23.37 3.36
N TYR A 18 -5.55 23.80 3.08
CA TYR A 18 -4.73 23.11 2.11
C TYR A 18 -4.48 21.65 2.53
N ARG A 19 -4.06 21.45 3.77
CA ARG A 19 -3.87 20.08 4.26
C ARG A 19 -5.17 19.28 4.20
N ILE A 20 -6.32 19.93 4.45
CA ILE A 20 -7.60 19.24 4.32
C ILE A 20 -7.84 18.78 2.88
N GLY A 21 -7.52 19.64 1.90
CA GLY A 21 -7.67 19.24 0.51
C GLY A 21 -6.80 18.04 0.17
N LEU A 22 -5.58 18.01 0.69
CA LEU A 22 -4.73 16.82 0.51
C LEU A 22 -5.34 15.60 1.19
N ASN A 23 -5.84 15.74 2.42
CA ASN A 23 -6.51 14.61 3.09
C ASN A 23 -7.65 14.06 2.25
N LEU A 24 -8.49 14.97 1.76
CA LEU A 24 -9.65 14.54 0.97
C LEU A 24 -9.22 13.84 -0.30
N PHE A 25 -8.20 14.37 -0.98
CA PHE A 25 -7.65 13.69 -2.15
C PHE A 25 -7.23 12.27 -1.80
N ASN A 26 -6.54 12.10 -0.67
CA ASN A 26 -5.99 10.81 -0.31
C ASN A 26 -7.07 9.83 0.14
N LYS A 27 -8.26 10.33 0.46
CA LYS A 27 -9.42 9.50 0.73
C LYS A 27 -10.27 9.30 -0.52
N LYS A 28 -10.57 10.38 -1.25
CA LYS A 28 -11.47 10.34 -2.40
C LYS A 28 -10.92 11.34 -3.41
N PRO A 29 -10.05 10.90 -4.31
CA PRO A 29 -9.31 11.85 -5.16
C PRO A 29 -10.17 12.89 -5.87
N GLU A 30 -11.30 12.50 -6.46
CA GLU A 30 -12.12 13.46 -7.18
C GLU A 30 -12.63 14.57 -6.25
N LYS A 31 -12.98 14.22 -5.01
CA LYS A 31 -13.41 15.23 -4.05
C LYS A 31 -12.25 16.11 -3.60
N GLY A 32 -11.07 15.52 -3.45
CA GLY A 32 -9.90 16.32 -3.11
C GLY A 32 -9.56 17.36 -4.17
N VAL A 33 -9.52 16.95 -5.44
CA VAL A 33 -9.16 17.96 -6.44
C VAL A 33 -10.25 19.02 -6.57
N GLN A 34 -11.53 18.64 -6.42
CA GLN A 34 -12.59 19.65 -6.37
C GLN A 34 -12.39 20.63 -5.22
N TYR A 35 -12.01 20.12 -4.05
CA TYR A 35 -11.81 21.00 -2.90
C TYR A 35 -10.62 21.94 -3.14
N LEU A 36 -9.55 21.41 -3.71
CA LEU A 36 -8.36 22.21 -3.93
C LEU A 36 -8.58 23.25 -5.02
N ILE A 37 -9.31 22.86 -6.08
CA ILE A 37 -9.62 23.82 -7.15
C ILE A 37 -10.47 24.96 -6.61
N GLU A 38 -11.59 24.62 -5.96
CA GLU A 38 -12.53 25.69 -5.59
C GLU A 38 -11.93 26.65 -4.56
N ARG A 39 -10.83 26.30 -3.89
CA ARG A 39 -10.17 27.23 -2.99
C ARG A 39 -8.91 27.85 -3.59
N GLY A 40 -8.67 27.66 -4.89
CA GLY A 40 -7.58 28.38 -5.51
C GLY A 40 -6.20 27.83 -5.24
N PHE A 41 -6.11 26.63 -4.67
CA PHE A 41 -4.82 25.98 -4.49
C PHE A 41 -4.25 25.37 -5.77
N VAL A 42 -5.10 25.06 -6.75
CA VAL A 42 -4.65 24.47 -8.02
C VAL A 42 -5.52 25.03 -9.12
N PRO A 43 -4.97 25.32 -10.31
CA PRO A 43 -5.80 25.87 -11.38
C PRO A 43 -6.86 24.87 -11.82
N ASP A 44 -7.98 25.39 -12.30
CA ASP A 44 -9.10 24.57 -12.77
C ASP A 44 -8.89 24.13 -14.23
N THR A 45 -7.80 23.41 -14.45
CA THR A 45 -7.45 22.92 -15.78
C THR A 45 -6.81 21.54 -15.64
N PRO A 46 -6.91 20.71 -16.67
CA PRO A 46 -6.17 19.44 -16.64
C PRO A 46 -4.68 19.63 -16.40
N VAL A 47 -4.04 20.59 -17.08
CA VAL A 47 -2.60 20.72 -16.92
C VAL A 47 -2.24 21.22 -15.53
N GLY A 48 -3.04 22.14 -14.98
CA GLY A 48 -2.77 22.60 -13.62
C GLY A 48 -2.82 21.47 -12.61
N VAL A 49 -3.83 20.60 -12.73
CA VAL A 49 -3.93 19.46 -11.82
C VAL A 49 -2.80 18.47 -12.07
N ALA A 50 -2.50 18.20 -13.35
CA ALA A 50 -1.40 17.29 -13.67
C ALA A 50 -0.11 17.70 -12.99
N HIS A 51 0.26 18.99 -13.10
CA HIS A 51 1.54 19.39 -12.53
C HIS A 51 1.48 19.39 -11.01
N PHE A 52 0.30 19.68 -10.44
CA PHE A 52 0.12 19.59 -8.99
C PHE A 52 0.40 18.17 -8.49
N LEU A 53 -0.21 17.16 -9.13
CA LEU A 53 -0.02 15.78 -8.71
C LEU A 53 1.43 15.35 -8.81
N LEU A 54 2.13 15.81 -9.86
CA LEU A 54 3.54 15.42 -10.01
C LEU A 54 4.43 16.17 -9.03
N GLN A 55 4.11 17.44 -8.73
CA GLN A 55 5.07 18.28 -8.02
C GLN A 55 4.83 18.42 -6.51
N ARG A 56 3.61 18.25 -6.00
CA ARG A 56 3.31 18.62 -4.61
C ARG A 56 3.44 17.44 -3.66
N LYS A 57 4.14 17.64 -2.55
CA LYS A 57 4.22 16.58 -1.55
C LYS A 57 2.90 16.49 -0.77
N GLY A 58 2.72 15.35 -0.10
CA GLY A 58 1.52 15.09 0.70
C GLY A 58 0.43 14.32 -0.02
N LEU A 59 0.69 13.88 -1.25
CA LEU A 59 -0.28 13.12 -2.04
C LEU A 59 0.13 11.66 -2.06
N SER A 60 -0.81 10.76 -1.78
CA SER A 60 -0.50 9.34 -1.83
C SER A 60 -0.32 8.93 -3.29
N ARG A 61 0.83 8.33 -3.61
CA ARG A 61 1.06 7.91 -5.01
C ARG A 61 0.14 6.76 -5.41
N GLN A 62 -0.30 5.94 -4.45
CA GLN A 62 -1.39 5.01 -4.71
C GLN A 62 -2.63 5.75 -5.21
N MET A 63 -3.03 6.81 -4.52
CA MET A 63 -4.26 7.48 -4.90
C MET A 63 -4.08 8.30 -6.16
N ILE A 64 -2.87 8.81 -6.41
CA ILE A 64 -2.64 9.47 -7.70
C ILE A 64 -2.91 8.49 -8.83
N GLY A 65 -2.44 7.26 -8.67
CA GLY A 65 -2.65 6.25 -9.70
C GLY A 65 -4.12 5.90 -9.87
N GLU A 66 -4.85 5.78 -8.77
CA GLU A 66 -6.28 5.51 -8.90
C GLU A 66 -7.00 6.64 -9.61
N PHE A 67 -6.62 7.89 -9.33
CA PHE A 67 -7.23 9.04 -10.00
C PHE A 67 -6.93 9.04 -11.51
N LEU A 68 -5.65 8.96 -11.86
CA LEU A 68 -5.23 9.00 -13.27
C LEU A 68 -5.70 7.78 -14.06
N GLY A 69 -5.81 6.62 -13.41
CA GLY A 69 -6.22 5.42 -14.12
C GLY A 69 -7.69 5.28 -14.42
N ASN A 70 -8.50 6.23 -13.98
CA ASN A 70 -9.93 6.23 -14.25
C ASN A 70 -10.14 6.50 -15.74
N ARG A 71 -10.64 5.50 -16.47
CA ARG A 71 -10.91 5.61 -17.90
C ARG A 71 -12.28 6.19 -18.22
N GLN A 72 -13.19 6.30 -17.26
CA GLN A 72 -14.55 6.73 -17.54
C GLN A 72 -14.74 8.24 -17.55
N LYS A 73 -13.99 8.98 -16.74
CA LYS A 73 -14.19 10.41 -16.56
C LYS A 73 -13.25 11.18 -17.47
N GLN A 74 -13.79 12.16 -18.21
CA GLN A 74 -12.98 12.89 -19.16
C GLN A 74 -11.89 13.72 -18.48
N PHE A 75 -12.22 14.38 -17.37
CA PHE A 75 -11.22 15.20 -16.70
C PHE A 75 -10.01 14.38 -16.31
N ASN A 76 -10.24 13.21 -15.67
CA ASN A 76 -9.13 12.33 -15.29
C ASN A 76 -8.29 11.96 -16.51
N ARG A 77 -8.95 11.55 -17.60
CA ARG A 77 -8.23 11.21 -18.83
C ARG A 77 -7.37 12.37 -19.31
N ASP A 78 -7.94 13.59 -19.30
CA ASP A 78 -7.16 14.73 -19.79
C ASP A 78 -6.01 15.04 -18.84
N VAL A 79 -6.21 14.89 -17.53
CA VAL A 79 -5.09 15.07 -16.60
C VAL A 79 -3.98 14.06 -16.90
N LEU A 80 -4.34 12.79 -17.06
CA LEU A 80 -3.31 11.78 -17.33
C LEU A 80 -2.54 12.11 -18.62
N ASP A 81 -3.24 12.54 -19.66
CA ASP A 81 -2.56 12.99 -20.88
C ASP A 81 -1.54 14.08 -20.58
N CYS A 82 -1.92 15.08 -19.75
CA CYS A 82 -0.96 16.13 -19.43
C CYS A 82 0.16 15.59 -18.56
N VAL A 83 -0.13 14.62 -17.69
CA VAL A 83 0.92 14.06 -16.84
C VAL A 83 2.01 13.43 -17.70
N VAL A 84 1.63 12.63 -18.69
CA VAL A 84 2.68 11.98 -19.46
C VAL A 84 3.35 12.99 -20.40
N ASP A 85 2.63 14.01 -20.86
CA ASP A 85 3.25 15.00 -21.74
C ASP A 85 4.34 15.79 -21.01
N GLU A 86 4.25 15.86 -19.67
CA GLU A 86 5.29 16.51 -18.87
C GLU A 86 6.55 15.66 -18.76
N MET A 87 6.49 14.38 -19.13
CA MET A 87 7.65 13.50 -19.06
C MET A 87 8.29 13.38 -20.43
N ASP A 88 9.62 13.38 -20.46
CA ASP A 88 10.40 13.17 -21.68
C ASP A 88 11.02 11.79 -21.58
N PHE A 89 10.56 10.87 -22.44
CA PHE A 89 11.12 9.53 -22.50
C PHE A 89 12.13 9.38 -23.64
N SER A 90 12.54 10.48 -24.26
CA SER A 90 13.36 10.44 -25.48
C SER A 90 14.64 9.67 -25.24
N THR A 91 14.95 8.77 -26.18
CA THR A 91 16.19 7.98 -26.18
C THR A 91 16.34 7.10 -24.96
N MET A 92 15.24 6.70 -24.32
CA MET A 92 15.32 5.76 -23.21
C MET A 92 14.81 4.40 -23.66
N GLU A 93 15.33 3.34 -23.06
CA GLU A 93 14.73 2.03 -23.25
C GLU A 93 13.32 2.05 -22.67
N LEU A 94 12.45 1.21 -23.21
CA LEU A 94 11.04 1.21 -22.80
C LEU A 94 10.89 0.94 -21.31
N ASP A 95 11.64 -0.02 -20.77
CA ASP A 95 11.56 -0.31 -19.34
C ASP A 95 12.17 0.81 -18.51
N GLU A 96 13.18 1.51 -19.04
CA GLU A 96 13.72 2.66 -18.35
CA GLU A 96 13.70 2.64 -18.29
C GLU A 96 12.71 3.80 -18.30
N ALA A 97 12.04 4.03 -19.43
CA ALA A 97 10.99 5.02 -19.47
C ALA A 97 9.86 4.66 -18.52
N LEU A 98 9.47 3.38 -18.50
CA LEU A 98 8.40 2.95 -17.61
C LEU A 98 8.79 3.09 -16.15
N ARG A 99 10.06 2.79 -15.82
CA ARG A 99 10.55 3.00 -14.45
C ARG A 99 10.41 4.47 -14.04
N LYS A 100 10.74 5.39 -14.94
CA LYS A 100 10.59 6.82 -14.66
C LYS A 100 9.13 7.21 -14.46
N PHE A 101 8.24 6.69 -15.31
CA PHE A 101 6.81 6.93 -15.17
C PHE A 101 6.29 6.41 -13.84
N GLN A 102 6.57 5.15 -13.52
CA GLN A 102 6.03 4.60 -12.28
C GLN A 102 6.77 5.07 -11.04
N ALA A 103 7.90 5.76 -11.18
CA ALA A 103 8.50 6.38 -9.99
C ALA A 103 7.57 7.44 -9.39
N HIS A 104 6.84 8.15 -10.25
CA HIS A 104 5.90 9.18 -9.79
C HIS A 104 4.56 8.62 -9.37
N ILE A 105 4.13 7.53 -10.01
CA ILE A 105 2.75 7.07 -9.94
C ILE A 105 2.79 5.58 -9.60
N ARG A 106 2.01 5.17 -8.61
CA ARG A 106 1.93 3.75 -8.30
C ARG A 106 1.16 3.04 -9.42
N VAL A 107 1.83 2.14 -10.13
CA VAL A 107 1.19 1.39 -11.21
C VAL A 107 0.90 -0.03 -10.70
N GLN A 108 -0.16 -0.17 -9.94
CA GLN A 108 -0.50 -1.42 -9.30
C GLN A 108 -1.96 -1.33 -8.92
N GLY A 109 -2.61 -2.48 -8.82
CA GLY A 109 -4.00 -2.53 -8.37
C GLY A 109 -4.90 -3.09 -9.47
N GLU A 110 -6.09 -2.50 -9.58
CA GLU A 110 -7.10 -2.96 -10.50
C GLU A 110 -6.57 -2.98 -11.93
N ALA A 111 -6.78 -4.11 -12.62
CA ALA A 111 -6.20 -4.31 -13.93
C ALA A 111 -6.65 -3.23 -14.92
N GLN A 112 -7.92 -2.80 -14.84
CA GLN A 112 -8.39 -1.76 -15.78
C GLN A 112 -7.65 -0.45 -15.57
N LYS A 113 -7.32 -0.11 -14.32
CA LYS A 113 -6.58 1.13 -14.08
C LYS A 113 -5.13 0.99 -14.52
N VAL A 114 -4.52 -0.18 -14.27
CA VAL A 114 -3.16 -0.38 -14.73
C VAL A 114 -3.09 -0.25 -16.24
N GLU A 115 -4.05 -0.87 -16.96
CA GLU A 115 -4.07 -0.80 -18.42
C GLU A 115 -4.19 0.63 -18.91
N ARG A 116 -5.05 1.42 -18.26
CA ARG A 116 -5.22 2.81 -18.64
C ARG A 116 -3.93 3.60 -18.47
N LEU A 117 -3.23 3.39 -17.35
CA LEU A 117 -1.98 4.10 -17.11
C LEU A 117 -0.92 3.69 -18.13
N ILE A 118 -0.82 2.39 -18.41
CA ILE A 118 0.19 1.91 -19.36
C ILE A 118 -0.14 2.40 -20.78
N GLU A 119 -1.42 2.51 -21.12
CA GLU A 119 -1.81 3.02 -22.43
C GLU A 119 -1.32 4.45 -22.65
N ALA A 120 -1.61 5.35 -21.70
CA ALA A 120 -1.12 6.72 -21.84
C ALA A 120 0.39 6.76 -21.82
N PHE A 121 1.02 6.00 -20.93
CA PHE A 121 2.47 5.95 -20.89
C PHE A 121 3.02 5.55 -22.26
N SER A 122 2.43 4.51 -22.86
CA SER A 122 2.94 3.95 -24.11
C SER A 122 2.76 4.91 -25.27
N GLN A 123 1.62 5.59 -25.33
CA GLN A 123 1.40 6.58 -26.39
C GLN A 123 2.46 7.67 -26.33
N ARG A 124 2.78 8.12 -25.11
CA ARG A 124 3.81 9.13 -24.93
C ARG A 124 5.19 8.60 -25.30
N TYR A 125 5.52 7.38 -24.86
CA TYR A 125 6.79 6.77 -25.26
C TYR A 125 6.91 6.77 -26.79
N CYS A 126 5.84 6.39 -27.49
CA CYS A 126 5.87 6.35 -28.94
C CYS A 126 6.10 7.74 -29.53
N ILE A 127 5.45 8.76 -28.97
CA ILE A 127 5.69 10.13 -29.45
C ILE A 127 7.14 10.52 -29.22
N CYS A 128 7.72 10.10 -28.10
CA CYS A 128 9.07 10.51 -27.80
C CYS A 128 10.12 9.74 -28.58
N ASN A 129 9.78 8.58 -29.14
CA ASN A 129 10.78 7.68 -29.72
C ASN A 129 10.28 7.14 -31.05
N PRO A 130 10.06 8.02 -32.03
CA PRO A 130 9.53 7.57 -33.34
C PRO A 130 10.42 6.53 -34.00
N GLY A 131 11.74 6.58 -33.77
CA GLY A 131 12.62 5.61 -34.39
C GLY A 131 12.45 4.22 -33.82
N VAL A 132 12.30 4.11 -32.50
CA VAL A 132 11.99 2.82 -31.89
C VAL A 132 10.69 2.26 -32.47
N VAL A 133 9.67 3.12 -32.57
CA VAL A 133 8.37 2.65 -33.00
C VAL A 133 8.43 2.06 -34.40
N ARG A 134 9.18 2.71 -35.30
CA ARG A 134 9.23 2.28 -36.70
C ARG A 134 9.83 0.89 -36.86
N GLN A 135 10.67 0.45 -35.91
CA GLN A 135 11.25 -0.88 -36.00
C GLN A 135 10.18 -1.99 -35.93
N PHE A 136 9.00 -1.71 -35.40
CA PHE A 136 7.99 -2.73 -35.22
C PHE A 136 6.99 -2.70 -36.35
N ARG A 137 6.36 -3.85 -36.59
CA ARG A 137 5.31 -3.92 -37.58
C ARG A 137 4.02 -3.29 -37.10
N ASN A 138 3.82 -3.22 -35.79
CA ASN A 138 2.61 -2.69 -35.20
C ASN A 138 3.01 -1.84 -34.00
N PRO A 139 2.69 -0.53 -34.00
CA PRO A 139 3.09 0.29 -32.85
C PRO A 139 2.44 -0.16 -31.55
N ASP A 140 1.31 -0.87 -31.62
CA ASP A 140 0.71 -1.38 -30.39
C ASP A 140 1.60 -2.40 -29.70
N THR A 141 2.60 -2.96 -30.39
CA THR A 141 3.54 -3.85 -29.72
C THR A 141 4.22 -3.18 -28.54
N ILE A 142 4.45 -1.87 -28.63
CA ILE A 142 5.05 -1.12 -27.53
C ILE A 142 4.17 -1.21 -26.29
N PHE A 143 2.87 -1.03 -26.49
CA PHE A 143 1.93 -1.07 -25.38
C PHE A 143 1.86 -2.47 -24.78
N ILE A 144 1.87 -3.51 -25.63
CA ILE A 144 1.84 -4.88 -25.12
C ILE A 144 3.11 -5.19 -24.36
N LEU A 145 4.25 -4.74 -24.87
CA LEU A 145 5.51 -5.00 -24.16
C LEU A 145 5.56 -4.24 -22.83
N ALA A 146 5.08 -2.99 -22.80
CA ALA A 146 5.07 -2.25 -21.54
C ALA A 146 4.20 -2.95 -20.49
N PHE A 147 3.03 -3.44 -20.91
CA PHE A 147 2.20 -4.25 -20.02
C PHE A 147 2.92 -5.49 -19.55
N ALA A 148 3.64 -6.17 -20.45
CA ALA A 148 4.41 -7.36 -20.07
C ALA A 148 5.51 -7.04 -19.08
N ILE A 149 6.09 -5.84 -19.17
CA ILE A 149 7.13 -5.47 -18.23
C ILE A 149 6.55 -5.31 -16.84
N ILE A 150 5.37 -4.68 -16.74
CA ILE A 150 4.70 -4.58 -15.43
C ILE A 150 4.42 -5.97 -14.87
N LEU A 151 3.87 -6.85 -15.70
CA LEU A 151 3.62 -8.24 -15.32
C LEU A 151 4.89 -8.94 -14.85
N LEU A 152 5.98 -8.77 -15.62
CA LEU A 152 7.24 -9.41 -15.25
C LEU A 152 7.74 -8.93 -13.91
N ASN A 153 7.68 -7.61 -13.66
CA ASN A 153 8.19 -7.08 -12.40
C ASN A 153 7.44 -7.68 -11.22
N THR A 154 6.10 -7.75 -11.31
CA THR A 154 5.32 -8.39 -10.26
C THR A 154 5.68 -9.85 -10.12
N ASP A 155 5.72 -10.58 -11.24
CA ASP A 155 6.11 -11.99 -11.23
C ASP A 155 7.45 -12.19 -10.53
N MET A 156 8.47 -11.41 -10.92
CA MET A 156 9.81 -11.62 -10.39
C MET A 156 9.90 -11.36 -8.88
N TYR A 157 9.13 -10.42 -8.36
CA TYR A 157 9.33 -9.96 -7.00
C TYR A 157 8.16 -10.22 -6.06
N SER A 158 7.08 -10.84 -6.52
CA SER A 158 5.90 -11.02 -5.68
C SER A 158 5.99 -12.37 -4.98
N PRO A 159 6.05 -12.41 -3.64
CA PRO A 159 6.10 -13.70 -2.93
C PRO A 159 4.95 -14.64 -3.26
N ASN A 160 3.83 -14.12 -3.73
CA ASN A 160 2.69 -14.97 -4.04
C ASN A 160 2.87 -15.75 -5.34
N VAL A 161 3.98 -15.56 -6.06
CA VAL A 161 4.40 -16.42 -7.16
C VAL A 161 5.66 -17.14 -6.69
N LYS A 162 5.52 -18.46 -6.46
CA LYS A 162 6.64 -19.24 -5.93
C LYS A 162 7.81 -19.24 -6.92
N PRO A 163 9.05 -19.30 -6.42
CA PRO A 163 10.20 -19.19 -7.35
C PRO A 163 10.19 -20.25 -8.44
N GLU A 164 9.74 -21.47 -8.13
CA GLU A 164 9.65 -22.50 -9.16
C GLU A 164 8.63 -22.16 -10.22
N ARG A 165 7.65 -21.30 -9.90
CA ARG A 165 6.69 -20.86 -10.89
C ARG A 165 7.07 -19.55 -11.56
N LYS A 166 8.08 -18.85 -11.05
CA LYS A 166 8.44 -17.55 -11.62
C LYS A 166 8.97 -17.71 -13.05
N MET A 167 8.76 -16.67 -13.85
CA MET A 167 9.23 -16.68 -15.24
C MET A 167 10.75 -16.58 -15.30
N LYS A 168 11.41 -17.56 -15.90
CA LYS A 168 12.81 -17.35 -16.24
C LYS A 168 12.89 -16.55 -17.53
N LEU A 169 14.12 -16.18 -17.92
CA LEU A 169 14.32 -15.38 -19.13
C LEU A 169 13.57 -15.97 -20.33
N GLU A 170 13.72 -17.28 -20.55
CA GLU A 170 13.10 -17.88 -21.73
C GLU A 170 11.59 -17.92 -21.63
N ASP A 171 11.04 -18.06 -20.42
CA ASP A 171 9.59 -17.99 -20.24
C ASP A 171 9.08 -16.61 -20.65
N PHE A 172 9.79 -15.57 -20.22
CA PHE A 172 9.42 -14.20 -20.57
C PHE A 172 9.44 -14.01 -22.08
N ILE A 173 10.51 -14.46 -22.74
CA ILE A 173 10.61 -14.33 -24.20
C ILE A 173 9.52 -15.12 -24.89
N LYS A 174 9.37 -16.41 -24.55
CA LYS A 174 8.41 -17.23 -25.27
C LYS A 174 6.98 -16.75 -25.08
N ASN A 175 6.64 -16.23 -23.90
CA ASN A 175 5.28 -15.74 -23.67
C ASN A 175 4.92 -14.60 -24.61
N LEU A 176 5.91 -13.88 -25.15
CA LEU A 176 5.66 -12.78 -26.08
C LEU A 176 5.79 -13.20 -27.55
N ARG A 177 6.03 -14.48 -27.80
CA ARG A 177 6.23 -14.99 -29.17
C ARG A 177 5.13 -14.52 -30.11
N GLY A 178 5.52 -13.92 -31.24
CA GLY A 178 4.60 -13.64 -32.32
C GLY A 178 3.71 -12.43 -32.10
N VAL A 179 3.97 -11.63 -31.08
CA VAL A 179 3.02 -10.58 -30.74
C VAL A 179 3.07 -9.42 -31.75
N ASP A 180 4.17 -9.24 -32.46
CA ASP A 180 4.29 -8.11 -33.40
C ASP A 180 3.69 -8.52 -34.75
N ASP A 181 2.36 -8.63 -34.77
CA ASP A 181 1.61 -9.07 -35.96
C ASP A 181 2.16 -10.38 -36.51
N GLY A 182 2.38 -11.35 -35.63
CA GLY A 182 2.92 -12.64 -36.02
C GLY A 182 4.44 -12.76 -35.92
N GLU A 183 5.15 -11.66 -35.80
CA GLU A 183 6.59 -11.67 -35.66
C GLU A 183 6.97 -11.51 -34.19
N ASP A 184 8.20 -11.91 -33.88
CA ASP A 184 8.75 -11.71 -32.55
C ASP A 184 9.30 -10.30 -32.37
N ILE A 185 9.16 -9.79 -31.16
CA ILE A 185 10.02 -8.67 -30.75
C ILE A 185 11.47 -9.14 -30.80
N PRO A 186 12.41 -8.34 -31.27
CA PRO A 186 13.81 -8.80 -31.35
C PRO A 186 14.29 -9.38 -30.03
N ARG A 187 14.86 -10.58 -30.11
CA ARG A 187 15.20 -11.34 -28.93
C ARG A 187 16.07 -10.54 -27.97
N GLU A 188 17.05 -9.82 -28.51
CA GLU A 188 17.98 -9.08 -27.66
C GLU A 188 17.30 -7.92 -26.94
N MET A 189 16.24 -7.35 -27.51
CA MET A 189 15.47 -6.33 -26.80
C MET A 189 14.85 -6.93 -25.54
N LEU A 190 14.19 -8.09 -25.68
CA LEU A 190 13.60 -8.75 -24.52
C LEU A 190 14.65 -9.16 -23.51
N MET A 191 15.85 -9.55 -23.99
CA MET A 191 16.88 -9.99 -23.06
C MET A 191 17.41 -8.85 -22.20
N GLY A 192 17.61 -7.66 -22.79
CA GLY A 192 18.10 -6.55 -21.99
C GLY A 192 17.08 -6.08 -20.98
N ILE A 193 15.81 -6.05 -21.38
CA ILE A 193 14.72 -5.70 -20.47
C ILE A 193 14.69 -6.65 -19.28
N TYR A 194 14.70 -7.96 -19.56
CA TYR A 194 14.64 -8.93 -18.47
C TYR A 194 15.80 -8.74 -17.49
N GLU A 195 17.02 -8.49 -18.01
CA GLU A 195 18.19 -8.36 -17.15
CA GLU A 195 18.15 -8.40 -17.10
C GLU A 195 18.11 -7.09 -16.31
N ARG A 196 17.65 -6.00 -16.93
CA ARG A 196 17.54 -4.75 -16.18
C ARG A 196 16.50 -4.88 -15.06
N ILE A 197 15.40 -5.57 -15.31
CA ILE A 197 14.41 -5.77 -14.25
C ILE A 197 14.97 -6.70 -13.19
N ARG A 198 15.75 -7.71 -13.61
CA ARG A 198 16.37 -8.61 -12.63
C ARG A 198 17.39 -7.88 -11.79
N LYS A 199 18.04 -6.86 -12.34
CA LYS A 199 18.99 -6.10 -11.54
C LYS A 199 18.30 -5.09 -10.62
N ARG A 200 17.11 -4.60 -10.99
CA ARG A 200 16.45 -3.51 -10.24
C ARG A 200 14.94 -3.66 -10.35
N GLU A 201 14.30 -4.07 -9.27
CA GLU A 201 12.84 -4.03 -9.22
C GLU A 201 12.34 -2.61 -9.49
N LEU A 202 11.25 -2.50 -10.25
CA LEU A 202 10.55 -1.23 -10.40
C LEU A 202 9.95 -0.82 -9.06
N LYS A 203 10.34 0.34 -8.56
CA LYS A 203 9.82 0.82 -7.28
C LYS A 203 9.28 2.23 -7.43
N THR A 204 8.12 2.49 -6.82
CA THR A 204 7.56 3.83 -6.81
C THR A 204 8.26 4.67 -5.77
N ASN A 205 8.41 5.97 -6.05
CA ASN A 205 9.03 6.88 -5.08
C ASN A 205 8.27 6.83 -3.76
N GLU A 206 8.99 7.11 -2.67
CA GLU A 206 8.35 7.13 -1.36
C GLU A 206 7.40 8.32 -1.23
N ASP A 207 6.43 8.19 -0.31
CA ASP A 207 5.53 9.29 0.02
C ASP A 207 5.29 9.22 1.52
N HIS A 208 4.33 10.01 2.01
CA HIS A 208 4.03 9.99 3.44
C HIS A 208 3.51 8.63 3.90
N VAL A 209 2.94 7.84 2.98
CA VAL A 209 2.44 6.51 3.36
C VAL A 209 3.60 5.58 3.63
N SER A 210 4.64 5.63 2.78
CA SER A 210 5.92 4.96 3.05
C SER A 210 6.39 5.19 4.46
N GLN A 211 6.36 6.44 4.88
CA GLN A 211 6.97 6.79 6.15
C GLN A 211 6.12 6.29 7.33
N VAL A 212 4.80 6.30 7.19
CA VAL A 212 3.97 5.68 8.21
C VAL A 212 4.21 4.16 8.25
N GLN A 213 4.40 3.54 7.08
CA GLN A 213 4.68 2.11 7.05
C GLN A 213 5.97 1.76 7.77
N LYS A 214 6.96 2.65 7.73
CA LYS A 214 8.18 2.42 8.48
C LYS A 214 7.92 2.49 9.99
N VAL A 215 6.98 3.33 10.42
CA VAL A 215 6.64 3.37 11.84
C VAL A 215 5.94 2.08 12.25
N GLU A 216 5.04 1.57 11.41
CA GLU A 216 4.39 0.28 11.67
C GLU A 216 5.43 -0.79 11.93
N LYS A 217 6.46 -0.84 11.07
CA LYS A 217 7.52 -1.83 11.23
C LYS A 217 8.29 -1.67 12.53
N LEU A 218 8.47 -0.43 12.99
CA LEU A 218 9.16 -0.23 14.27
C LEU A 218 8.31 -0.71 15.44
N ILE A 219 7.00 -0.75 15.29
CA ILE A 219 6.12 -1.12 16.39
C ILE A 219 5.86 -2.62 16.40
N VAL A 220 5.71 -3.22 15.22
CA VAL A 220 5.55 -4.67 15.12
C VAL A 220 6.83 -5.33 15.61
N GLY A 221 7.91 -5.23 14.82
CA GLY A 221 9.16 -5.87 15.15
C GLY A 221 9.78 -6.62 13.98
N LYS A 222 9.80 -7.96 14.07
CA LYS A 222 10.38 -8.78 13.00
C LYS A 222 9.63 -10.11 12.97
N LYS A 223 8.56 -10.15 12.17
CA LYS A 223 7.72 -11.33 12.07
C LYS A 223 8.11 -12.18 10.86
N SER A 227 4.58 -16.00 7.73
CA SER A 227 3.62 -15.76 8.80
C SER A 227 2.19 -15.65 8.28
N LEU A 228 1.28 -16.39 8.93
CA LEU A 228 -0.16 -16.30 8.64
C LEU A 228 -0.81 -15.12 9.35
N HIS A 229 -0.03 -14.31 10.08
CA HIS A 229 -0.57 -13.17 10.82
C HIS A 229 0.50 -12.08 10.91
N PRO A 230 0.90 -11.50 9.78
CA PRO A 230 1.90 -10.44 9.83
C PRO A 230 1.29 -9.10 10.24
N GLY A 231 2.17 -8.20 10.65
CA GLY A 231 1.80 -6.80 10.80
C GLY A 231 1.33 -6.42 12.20
N LEU A 232 0.61 -5.30 12.21
CA LEU A 232 0.17 -4.61 13.42
C LEU A 232 -1.36 -4.63 13.47
N GLY A 233 -1.90 -4.98 14.63
CA GLY A 233 -3.35 -5.00 14.80
C GLY A 233 -3.99 -3.68 14.42
N CYS A 234 -3.45 -2.58 14.94
CA CYS A 234 -3.89 -1.25 14.59
C CYS A 234 -3.50 -0.94 13.14
N VAL A 235 -4.49 -0.61 12.31
CA VAL A 235 -4.24 -0.27 10.90
C VAL A 235 -3.70 1.16 10.88
N LEU A 236 -2.39 1.33 10.78
CA LEU A 236 -1.83 2.67 10.78
C LEU A 236 -1.77 3.30 9.39
N SER A 237 -1.25 2.59 8.38
CA SER A 237 -0.80 3.23 7.15
C SER A 237 -1.93 3.34 6.10
N LEU A 238 -3.02 4.04 6.45
CA LEU A 238 -4.02 4.37 5.45
C LEU A 238 -3.49 5.48 4.53
N PRO A 239 -3.99 5.58 3.29
CA PRO A 239 -3.39 6.54 2.34
C PRO A 239 -3.42 8.00 2.78
N HIS A 240 -4.37 8.43 3.61
CA HIS A 240 -4.43 9.83 4.04
C HIS A 240 -3.62 10.11 5.31
N ARG A 241 -3.18 9.08 6.02
CA ARG A 241 -2.58 9.27 7.33
C ARG A 241 -1.10 9.60 7.18
N ARG A 242 -0.65 10.61 7.88
CA ARG A 242 0.74 11.06 7.82
C ARG A 242 1.24 11.30 9.23
N LEU A 243 2.54 11.09 9.43
CA LEU A 243 3.16 11.40 10.72
C LEU A 243 3.26 12.91 10.92
N VAL A 244 2.89 13.37 12.11
CA VAL A 244 3.01 14.78 12.47
C VAL A 244 4.22 15.02 13.34
N CYS A 245 4.37 14.27 14.42
CA CYS A 245 5.54 14.40 15.28
C CYS A 245 5.66 13.19 16.19
N TYR A 246 6.86 13.03 16.73
CA TYR A 246 7.14 12.02 17.74
C TYR A 246 7.56 12.76 18.99
N CYS A 247 7.18 12.24 20.16
CA CYS A 247 7.39 12.91 21.44
C CYS A 247 7.60 11.84 22.51
N ARG A 248 8.53 12.10 23.43
CA ARG A 248 8.67 11.28 24.63
C ARG A 248 7.94 11.96 25.78
N LEU A 249 7.07 11.21 26.46
CA LEU A 249 6.28 11.70 27.58
C LEU A 249 6.20 10.60 28.64
N PHE A 250 5.79 10.98 29.85
CA PHE A 250 5.61 10.03 30.93
C PHE A 250 4.13 9.96 31.27
N GLU A 251 3.56 8.76 31.20
CA GLU A 251 2.16 8.61 31.53
C GLU A 251 1.96 8.82 33.02
N VAL A 252 0.84 9.44 33.38
CA VAL A 252 0.54 9.78 34.76
C VAL A 252 -0.82 9.18 35.10
N PRO A 253 -0.86 8.01 35.72
CA PRO A 253 -2.14 7.37 36.06
C PRO A 253 -3.01 8.21 36.98
N ASP A 254 -2.41 9.00 37.84
CA ASP A 254 -3.15 9.77 38.84
C ASP A 254 -2.41 11.08 39.04
N PRO A 255 -2.88 12.18 38.48
CA PRO A 255 -2.19 13.46 38.65
C PRO A 255 -2.17 13.93 40.10
N ASN A 256 -2.99 13.36 40.97
CA ASN A 256 -3.09 13.83 42.33
C ASN A 256 -2.18 13.08 43.28
N LYS A 257 -1.33 12.18 42.78
CA LYS A 257 -0.33 11.51 43.57
C LYS A 257 1.01 11.55 42.85
N PRO A 258 2.11 11.58 43.60
CA PRO A 258 3.44 11.57 42.98
C PRO A 258 3.80 10.19 42.44
N GLN A 259 4.79 10.17 41.57
CA GLN A 259 5.36 8.92 41.09
C GLN A 259 6.85 9.15 40.85
N LYS A 260 7.59 8.06 40.81
CA LYS A 260 9.03 8.13 40.59
C LYS A 260 9.38 8.73 39.25
N LEU A 261 10.40 9.60 39.24
CA LEU A 261 11.02 10.04 38.00
C LEU A 261 11.28 8.84 37.08
N GLY A 262 11.01 9.02 35.79
CA GLY A 262 11.29 8.02 34.78
C GLY A 262 10.26 6.92 34.65
N LEU A 263 9.35 6.76 35.61
CA LEU A 263 8.30 5.75 35.52
C LEU A 263 7.36 6.04 34.34
N HIS A 264 6.83 4.95 33.75
CA HIS A 264 5.77 5.02 32.74
C HIS A 264 6.18 5.81 31.51
N GLN A 265 7.42 5.63 31.07
CA GLN A 265 7.90 6.36 29.89
C GLN A 265 7.19 5.88 28.63
N ARG A 266 6.74 6.82 27.80
CA ARG A 266 6.02 6.51 26.57
C ARG A 266 6.68 7.21 25.39
N GLU A 267 6.62 6.56 24.24
CA GLU A 267 7.05 7.14 22.98
C GLU A 267 5.78 7.39 22.18
N ILE A 268 5.50 8.66 21.90
CA ILE A 268 4.22 9.06 21.34
C ILE A 268 4.40 9.33 19.86
N PHE A 269 3.51 8.81 19.04
CA PHE A 269 3.49 9.09 17.60
C PHE A 269 2.17 9.78 17.28
N LEU A 270 2.25 11.05 16.97
CA LEU A 270 1.07 11.83 16.57
C LEU A 270 0.97 11.84 15.04
N PHE A 271 -0.16 11.36 14.51
CA PHE A 271 -0.50 11.43 13.10
C PHE A 271 -1.54 12.51 12.91
N ASN A 272 -1.83 12.85 11.66
CA ASN A 272 -2.78 13.92 11.41
C ASN A 272 -4.18 13.62 11.95
N ASP A 273 -4.53 12.35 12.16
CA ASP A 273 -5.85 12.05 12.69
C ASP A 273 -5.82 10.98 13.77
N LEU A 274 -4.68 10.72 14.39
CA LEU A 274 -4.61 9.62 15.34
C LEU A 274 -3.42 9.84 16.27
N LEU A 275 -3.64 9.59 17.57
CA LEU A 275 -2.56 9.64 18.55
C LEU A 275 -2.24 8.23 19.01
N VAL A 276 -0.98 7.84 18.91
CA VAL A 276 -0.58 6.47 19.23
C VAL A 276 0.41 6.52 20.39
N VAL A 277 0.14 5.71 21.42
CA VAL A 277 0.98 5.62 22.62
C VAL A 277 1.70 4.27 22.60
N THR A 278 3.02 4.31 22.70
CA THR A 278 3.84 3.12 22.70
C THR A 278 4.79 3.17 23.89
N LYS A 279 5.34 2.02 24.23
CA LYS A 279 6.43 1.90 25.20
C LYS A 279 7.60 1.20 24.53
N ILE A 280 8.80 1.71 24.75
CA ILE A 280 10.00 1.09 24.19
C ILE A 280 10.01 -0.39 24.54
N PHE A 281 10.31 -1.23 23.54
CA PHE A 281 10.44 -2.67 23.75
C PHE A 281 11.90 -3.09 23.91
N GLN A 282 12.71 -2.84 22.88
CA GLN A 282 14.13 -3.13 22.93
C GLN A 282 14.91 -1.99 22.30
N LYS A 283 16.16 -1.82 22.75
CA LYS A 283 17.08 -0.84 22.18
C LYS A 283 18.46 -1.46 22.04
N LYS A 284 19.10 -1.20 20.91
CA LYS A 284 20.44 -1.73 20.64
C LYS A 284 21.31 -0.69 19.93
N SER A 287 17.15 0.66 15.55
CA SER A 287 17.90 0.50 16.79
C SER A 287 16.97 0.44 18.00
N VAL A 288 15.77 1.01 17.85
CA VAL A 288 14.73 0.96 18.88
C VAL A 288 13.49 0.34 18.26
N THR A 289 12.79 -0.48 19.05
CA THR A 289 11.49 -1.02 18.71
C THR A 289 10.50 -0.69 19.81
N TYR A 290 9.21 -0.67 19.48
CA TYR A 290 8.20 -0.19 20.41
C TYR A 290 7.09 -1.20 20.56
N SER A 291 6.44 -1.18 21.72
CA SER A 291 5.25 -1.98 21.97
C SER A 291 4.04 -1.07 21.87
N PHE A 292 3.09 -1.44 21.03
CA PHE A 292 1.85 -0.68 20.95
C PHE A 292 1.14 -0.76 22.29
N ARG A 293 0.65 0.38 22.79
CA ARG A 293 -0.19 0.38 23.99
C ARG A 293 -1.63 0.78 23.73
N GLN A 294 -1.85 1.94 23.10
CA GLN A 294 -3.18 2.54 22.95
C GLN A 294 -3.15 3.49 21.77
N SER A 295 -4.31 3.67 21.11
CA SER A 295 -4.48 4.79 20.21
C SER A 295 -5.75 5.56 20.54
N PHE A 296 -5.78 6.83 20.15
CA PHE A 296 -6.91 7.72 20.41
C PHE A 296 -7.22 8.48 19.15
N SER A 297 -8.50 8.52 18.79
CA SER A 297 -8.94 9.40 17.73
C SER A 297 -8.93 10.85 18.23
N LEU A 298 -8.72 11.78 17.31
CA LEU A 298 -8.63 13.19 17.69
C LEU A 298 -9.97 13.89 17.70
N TYR A 299 -11.00 13.28 17.13
CA TYR A 299 -12.31 13.91 17.05
C TYR A 299 -12.92 13.98 18.45
N GLY A 300 -13.29 15.19 18.86
CA GLY A 300 -13.80 15.43 20.20
C GLY A 300 -12.74 15.60 21.28
N MET A 301 -11.47 15.39 20.96
CA MET A 301 -10.40 15.47 21.95
C MET A 301 -10.12 16.92 22.33
N GLN A 302 -9.79 17.14 23.60
CA GLN A 302 -9.29 18.43 24.05
C GLN A 302 -7.98 18.24 24.82
N VAL A 303 -7.14 19.28 24.79
CA VAL A 303 -5.80 19.24 25.34
C VAL A 303 -5.75 20.26 26.47
N LEU A 304 -5.50 19.78 27.69
CA LEU A 304 -5.38 20.64 28.86
C LEU A 304 -3.94 20.57 29.36
N LEU A 305 -3.43 21.73 29.78
CA LEU A 305 -2.18 21.82 30.52
C LEU A 305 -2.49 21.83 32.01
N PHE A 306 -1.65 21.18 32.81
CA PHE A 306 -1.78 21.33 34.25
C PHE A 306 -0.41 21.32 34.90
N GLU A 307 -0.34 21.99 36.06
CA GLU A 307 0.82 22.03 36.94
C GLU A 307 0.29 21.92 38.36
N ASN A 308 0.87 21.03 39.16
CA ASN A 308 0.52 20.91 40.57
C ASN A 308 1.79 20.58 41.35
N GLN A 309 1.65 20.24 42.64
CA GLN A 309 2.85 20.04 43.44
C GLN A 309 3.68 18.85 42.97
N TYR A 310 3.08 17.95 42.19
CA TYR A 310 3.75 16.73 41.76
C TYR A 310 4.18 16.72 40.30
N TYR A 311 3.56 17.54 39.44
CA TYR A 311 3.89 17.48 38.02
C TYR A 311 3.99 18.89 37.45
N PRO A 312 5.19 19.34 37.09
CA PRO A 312 5.34 20.69 36.54
C PRO A 312 4.92 20.84 35.09
N ASN A 313 4.86 19.75 34.32
CA ASN A 313 4.61 19.87 32.88
C ASN A 313 3.50 18.92 32.45
N GLY A 314 2.38 18.98 33.16
CA GLY A 314 1.31 18.04 32.92
C GLY A 314 0.52 18.35 31.66
N ILE A 315 0.02 17.29 31.05
CA ILE A 315 -0.91 17.32 29.93
C ILE A 315 -2.04 16.37 30.26
N ARG A 316 -3.28 16.84 30.16
CA ARG A 316 -4.42 15.95 30.25
C ARG A 316 -5.20 16.00 28.94
N LEU A 317 -5.50 14.83 28.38
CA LEU A 317 -6.31 14.72 27.18
C LEU A 317 -7.71 14.25 27.57
N THR A 318 -8.73 14.99 27.12
CA THR A 318 -10.11 14.61 27.40
C THR A 318 -10.85 14.35 26.09
N SER A 319 -11.98 13.66 26.21
CA SER A 319 -12.86 13.33 25.09
C SER A 319 -14.23 13.97 25.34
N SER A 320 -14.67 14.82 24.42
CA SER A 320 -15.90 15.58 24.58
C SER A 320 -16.70 15.49 23.27
N VAL A 321 -17.23 14.32 22.99
CA VAL A 321 -17.90 14.08 21.72
C VAL A 321 -19.32 14.63 21.80
N PRO A 322 -19.74 15.45 20.84
CA PRO A 322 -21.13 15.96 20.84
C PRO A 322 -22.13 14.82 21.03
N GLY A 323 -23.06 15.03 21.95
CA GLY A 323 -24.01 13.99 22.30
C GLY A 323 -23.53 13.02 23.37
N ALA A 324 -22.24 13.05 23.71
CA ALA A 324 -21.67 12.18 24.72
C ALA A 324 -21.31 12.99 25.96
N ASP A 325 -20.86 12.30 27.00
CA ASP A 325 -20.33 12.93 28.21
C ASP A 325 -18.82 13.18 28.05
N ILE A 326 -18.28 13.95 29.00
CA ILE A 326 -16.86 14.33 28.97
C ILE A 326 -16.05 13.28 29.73
N LYS A 327 -14.95 12.82 29.12
CA LYS A 327 -14.16 11.72 29.66
C LYS A 327 -12.68 12.04 29.60
N VAL A 328 -11.95 11.77 30.69
CA VAL A 328 -10.50 11.86 30.67
C VAL A 328 -9.95 10.64 29.94
N LEU A 329 -9.10 10.88 28.93
CA LEU A 329 -8.49 9.79 28.18
C LEU A 329 -7.20 9.31 28.78
N ILE A 330 -6.29 10.25 29.10
CA ILE A 330 -4.95 9.92 29.59
C ILE A 330 -4.30 11.20 30.12
N ASN A 331 -3.37 11.08 31.08
CA ASN A 331 -2.55 12.20 31.54
C ASN A 331 -1.09 11.91 31.27
N PHE A 332 -0.31 12.96 30.97
CA PHE A 332 1.12 12.85 30.80
C PHE A 332 1.81 13.91 31.63
N ASN A 333 3.14 13.76 31.77
CA ASN A 333 4.03 14.83 32.22
C ASN A 333 5.17 14.86 31.22
N ALA A 334 5.42 16.03 30.62
CA ALA A 334 6.48 16.15 29.63
C ALA A 334 7.82 16.35 30.33
N PRO A 335 8.92 16.02 29.65
CA PRO A 335 10.25 16.22 30.28
C PRO A 335 10.58 17.66 30.57
N ASN A 336 10.00 18.61 29.84
CA ASN A 336 10.34 20.01 30.02
C ASN A 336 9.24 20.86 29.38
N PRO A 337 9.19 22.16 29.68
CA PRO A 337 8.09 23.00 29.16
C PRO A 337 8.10 23.16 27.66
N GLN A 338 9.29 23.20 27.04
CA GLN A 338 9.37 23.37 25.60
C GLN A 338 8.76 22.17 24.87
N ASP A 339 9.05 20.97 25.38
CA ASP A 339 8.49 19.76 24.80
C ASP A 339 6.99 19.74 24.93
N ARG A 340 6.47 20.14 26.09
CA ARG A 340 5.02 20.20 26.26
C ARG A 340 4.40 21.20 25.29
N LYS A 341 5.01 22.38 25.14
CA LYS A 341 4.47 23.37 24.22
C LYS A 341 4.44 22.85 22.79
N LYS A 342 5.54 22.23 22.35
CA LYS A 342 5.61 21.78 20.97
C LYS A 342 4.57 20.69 20.68
N PHE A 343 4.50 19.70 21.57
CA PHE A 343 3.57 18.60 21.37
C PHE A 343 2.13 19.08 21.45
N THR A 344 1.78 19.86 22.48
CA THR A 344 0.38 20.26 22.61
C THR A 344 -0.03 21.21 21.47
N ASP A 345 0.90 22.03 20.97
CA ASP A 345 0.59 22.88 19.81
C ASP A 345 0.31 22.03 18.57
N ASP A 346 1.18 21.06 18.30
CA ASP A 346 0.92 20.13 17.20
C ASP A 346 -0.38 19.39 17.38
N LEU A 347 -0.64 18.91 18.60
CA LEU A 347 -1.86 18.14 18.84
C LEU A 347 -3.10 18.99 18.62
N ARG A 348 -3.10 20.21 19.19
CA ARG A 348 -4.24 21.11 19.01
C ARG A 348 -4.49 21.40 17.54
N GLU A 349 -3.42 21.65 16.77
CA GLU A 349 -3.60 21.90 15.34
C GLU A 349 -4.22 20.69 14.64
N SER A 350 -3.74 19.49 14.94
CA SER A 350 -4.31 18.29 14.31
C SER A 350 -5.77 18.08 14.71
N ILE A 351 -6.10 18.35 15.97
CA ILE A 351 -7.50 18.26 16.41
C ILE A 351 -8.37 19.26 15.62
N ALA A 352 -7.89 20.48 15.46
CA ALA A 352 -8.62 21.48 14.67
C ALA A 352 -8.81 21.00 13.24
N GLU A 353 -7.79 20.36 12.67
CA GLU A 353 -7.89 19.86 11.29
C GLU A 353 -8.97 18.78 11.18
N VAL A 354 -8.91 17.78 12.08
CA VAL A 354 -9.91 16.71 12.09
C VAL A 354 -11.31 17.27 12.28
N GLN A 355 -11.45 18.30 13.11
CA GLN A 355 -12.77 18.88 13.34
C GLN A 355 -13.34 19.51 12.07
N GLU A 356 -12.51 20.21 11.30
CA GLU A 356 -12.98 20.71 10.01
C GLU A 356 -13.29 19.58 9.04
N MET A 357 -12.45 18.53 9.01
CA MET A 357 -12.76 17.35 8.17
C MET A 357 -14.17 16.86 8.45
N GLU A 358 -14.44 16.51 9.72
CA GLU A 358 -15.74 15.96 10.08
C GLU A 358 -16.85 16.98 9.81
N LYS A 359 -16.59 18.25 10.12
CA LYS A 359 -17.54 19.32 9.79
C LYS A 359 -17.83 19.34 8.29
N HIS A 360 -16.78 19.28 7.46
CA HIS A 360 -16.99 19.24 6.03
C HIS A 360 -17.79 18.01 5.61
N ARG A 361 -17.53 16.86 6.24
CA ARG A 361 -18.23 15.62 5.88
C ARG A 361 -19.70 15.67 6.30
N ILE A 362 -20.01 16.37 7.40
CA ILE A 362 -21.39 16.49 7.83
C ILE A 362 -22.19 17.32 6.82
N GLU A 363 -21.62 18.45 6.39
CA GLU A 363 -22.28 19.28 5.37
C GLU A 363 -22.42 18.51 4.06
N SER A 364 -21.42 17.68 3.72
CA SER A 364 -21.53 16.83 2.55
C SER A 364 -22.75 15.92 2.63
N GLU A 365 -22.85 15.14 3.71
CA GLU A 365 -23.97 14.20 3.83
C GLU A 365 -25.30 14.91 3.96
N LEU A 366 -25.35 16.03 4.68
CA LEU A 366 -26.60 16.76 4.89
C LEU A 366 -26.98 17.60 3.68
N GLU A 367 -26.43 17.25 2.51
CA GLU A 367 -26.82 17.86 1.25
C GLU A 367 -26.86 16.88 0.09
N LYS A 368 -26.40 15.64 0.27
CA LYS A 368 -26.49 14.62 -0.78
C LYS A 368 -27.69 13.72 -0.52
N SER B 14 -18.20 8.40 10.17
CA SER B 14 -16.96 9.15 10.37
C SER B 14 -15.74 8.26 10.16
N SER B 15 -14.56 8.80 10.43
CA SER B 15 -13.33 8.03 10.27
C SER B 15 -13.14 7.02 11.39
N ASP B 16 -13.51 7.39 12.62
CA ASP B 16 -13.42 6.45 13.73
C ASP B 16 -14.40 5.30 13.53
N LEU B 17 -15.61 5.60 13.03
CA LEU B 17 -16.61 4.58 12.82
C LEU B 17 -16.13 3.52 11.81
N GLN B 18 -15.54 3.97 10.70
CA GLN B 18 -15.02 3.01 9.73
C GLN B 18 -13.91 2.15 10.32
N ASP B 19 -13.05 2.75 11.17
CA ASP B 19 -11.96 1.99 11.75
C ASP B 19 -12.48 0.91 12.70
N LYS B 20 -13.55 1.21 13.43
CA LYS B 20 -14.14 0.21 14.33
C LYS B 20 -14.86 -0.86 13.53
N GLN B 21 -15.50 -0.48 12.43
CA GLN B 21 -16.16 -1.45 11.57
C GLN B 21 -15.15 -2.43 10.97
N VAL B 22 -14.03 -1.91 10.45
CA VAL B 22 -12.97 -2.78 9.95
C VAL B 22 -12.49 -3.72 11.04
N GLU B 23 -12.20 -3.18 12.23
CA GLU B 23 -11.76 -4.00 13.35
C GLU B 23 -12.75 -5.14 13.62
N MET B 24 -14.04 -4.80 13.75
CA MET B 24 -15.03 -5.85 14.04
C MET B 24 -15.11 -6.86 12.90
N LEU B 25 -15.03 -6.38 11.65
CA LEU B 25 -15.05 -7.29 10.50
C LEU B 25 -13.89 -8.29 10.57
N GLU B 26 -12.70 -7.81 10.96
CA GLU B 26 -11.54 -8.68 11.04
C GLU B 26 -11.67 -9.68 12.19
N ARG B 27 -12.23 -9.24 13.33
CA ARG B 27 -12.37 -10.15 14.47
C ARG B 27 -13.46 -11.20 14.24
N LYS B 28 -14.43 -10.91 13.36
CA LYS B 28 -15.51 -11.85 13.09
C LYS B 28 -15.01 -13.22 12.65
N TYR B 29 -13.88 -13.28 11.95
CA TYR B 29 -13.39 -14.53 11.39
C TYR B 29 -12.17 -15.09 12.12
N GLY B 30 -11.72 -14.47 13.21
CA GLY B 30 -10.60 -14.96 13.98
C GLY B 30 -9.71 -13.81 14.41
N GLY B 31 -8.45 -14.14 14.71
CA GLY B 31 -7.48 -13.10 15.01
C GLY B 31 -7.39 -12.11 13.86
N ARG B 32 -7.33 -10.82 14.21
CA ARG B 32 -7.37 -9.75 13.20
C ARG B 32 -6.34 -9.95 12.10
N LEU B 33 -5.10 -10.23 12.49
CA LEU B 33 -4.04 -10.37 11.50
C LEU B 33 -4.24 -11.60 10.63
N VAL B 34 -4.89 -12.64 11.15
CA VAL B 34 -5.15 -13.83 10.36
C VAL B 34 -6.21 -13.54 9.30
N THR B 35 -7.28 -12.86 9.70
CA THR B 35 -8.33 -12.48 8.76
C THR B 35 -7.78 -11.54 7.69
N ARG B 36 -6.98 -10.54 8.10
CA ARG B 36 -6.48 -9.56 7.14
C ARG B 36 -5.58 -10.21 6.12
N HIS B 37 -4.72 -11.13 6.56
CA HIS B 37 -3.80 -11.79 5.65
C HIS B 37 -4.53 -12.74 4.72
N ALA B 38 -5.59 -13.38 5.21
CA ALA B 38 -6.40 -14.23 4.33
C ALA B 38 -7.01 -13.41 3.21
N ALA B 39 -7.56 -12.23 3.54
CA ALA B 39 -8.17 -11.39 2.52
C ALA B 39 -7.13 -10.95 1.48
N ARG B 40 -5.97 -10.47 1.96
CA ARG B 40 -4.92 -10.04 1.04
C ARG B 40 -4.45 -11.19 0.17
N THR B 41 -4.38 -12.41 0.74
CA THR B 41 -3.97 -13.57 -0.05
C THR B 41 -4.92 -13.79 -1.22
N ILE B 42 -6.23 -13.63 -0.97
CA ILE B 42 -7.23 -13.79 -2.02
C ILE B 42 -7.14 -12.65 -3.03
N GLN B 43 -7.02 -11.43 -2.53
CA GLN B 43 -6.99 -10.25 -3.39
C GLN B 43 -5.76 -10.24 -4.29
N THR B 44 -4.62 -10.66 -3.77
CA THR B 44 -3.39 -10.65 -4.56
C THR B 44 -3.48 -11.68 -5.68
N ALA B 45 -3.96 -12.89 -5.37
CA ALA B 45 -4.15 -13.90 -6.40
C ALA B 45 -5.16 -13.43 -7.44
N PHE B 46 -6.26 -12.82 -7.00
CA PHE B 46 -7.27 -12.37 -7.94
C PHE B 46 -6.74 -11.27 -8.84
N ARG B 47 -5.96 -10.33 -8.29
CA ARG B 47 -5.50 -9.23 -9.14
C ARG B 47 -4.46 -9.69 -10.13
N GLN B 48 -3.62 -10.66 -9.78
CA GLN B 48 -2.66 -11.18 -10.75
CA GLN B 48 -2.66 -11.18 -10.74
C GLN B 48 -3.35 -12.03 -11.80
N TYR B 49 -4.39 -12.77 -11.41
CA TYR B 49 -5.21 -13.49 -12.35
C TYR B 49 -5.88 -12.55 -13.36
N GLN B 50 -6.47 -11.46 -12.88
CA GLN B 50 -7.04 -10.46 -13.78
C GLN B 50 -5.98 -9.82 -14.68
N MET B 51 -4.78 -9.57 -14.16
CA MET B 51 -3.74 -9.00 -15.01
C MET B 51 -3.35 -9.97 -16.13
N ASN B 52 -3.17 -11.26 -15.78
CA ASN B 52 -2.85 -12.26 -16.79
C ASN B 52 -3.94 -12.33 -17.85
N LYS B 53 -5.20 -12.34 -17.43
CA LYS B 53 -6.30 -12.42 -18.38
C LYS B 53 -6.33 -11.20 -19.28
N ASN B 54 -6.18 -10.01 -18.70
CA ASN B 54 -6.26 -8.82 -19.55
C ASN B 54 -5.09 -8.73 -20.51
N PHE B 55 -3.93 -9.28 -20.13
CA PHE B 55 -2.81 -9.34 -21.07
C PHE B 55 -3.13 -10.23 -22.27
N GLU B 56 -3.74 -11.40 -22.00
CA GLU B 56 -4.16 -12.28 -23.09
C GLU B 56 -5.24 -11.64 -23.93
N ARG B 57 -6.14 -10.90 -23.29
CA ARG B 57 -7.16 -10.17 -24.03
C ARG B 57 -6.52 -9.13 -24.93
N LEU B 58 -5.49 -8.43 -24.44
CA LEU B 58 -4.91 -7.33 -25.21
C LEU B 58 -4.12 -7.84 -26.40
N ARG B 59 -3.34 -8.92 -26.22
CA ARG B 59 -2.55 -9.41 -27.34
C ARG B 59 -3.44 -10.05 -28.41
N SER B 60 -4.65 -10.48 -28.05
CA SER B 60 -5.59 -11.08 -28.97
C SER B 60 -6.29 -10.07 -29.87
N SER B 61 -6.09 -8.77 -29.65
CA SER B 61 -6.73 -7.73 -30.46
C SER B 61 -5.73 -6.59 -30.64
N MET B 62 -4.91 -6.68 -31.69
CA MET B 62 -3.87 -5.69 -31.93
C MET B 62 -4.26 -4.67 -33.01
N SER B 63 -5.45 -4.79 -33.59
CA SER B 63 -5.85 -3.96 -34.73
C SER B 63 -6.74 -2.79 -34.32
N GLU B 64 -6.50 -2.20 -33.15
CA GLU B 64 -7.26 -1.05 -32.69
C GLU B 64 -6.46 0.25 -32.72
N ASN B 65 -5.16 0.19 -33.03
CA ASN B 65 -4.30 1.37 -33.11
C ASN B 65 -4.41 2.22 -31.86
N ARG B 66 -4.13 1.59 -30.70
CA ARG B 66 -4.21 2.33 -29.44
C ARG B 66 -3.18 3.45 -29.37
N MET B 67 -2.02 3.27 -30.01
CA MET B 67 -0.91 4.20 -29.80
C MET B 67 -1.10 5.54 -30.51
N SER B 68 -2.13 5.69 -31.35
CA SER B 68 -2.51 7.00 -31.88
C SER B 68 -3.49 7.64 -30.91
N ARG B 69 -3.06 8.68 -30.21
CA ARG B 69 -3.89 9.35 -29.21
C ARG B 69 -4.87 10.28 -29.91
N ARG B 70 -6.17 9.98 -29.77
CA ARG B 70 -7.22 10.81 -30.35
C ARG B 70 -8.30 11.13 -29.33
N ILE C 14 15.83 -37.11 9.72
CA ILE C 14 17.10 -37.75 10.03
C ILE C 14 18.23 -36.73 9.98
N ALA C 15 19.42 -37.12 10.45
CA ALA C 15 20.56 -36.22 10.51
C ALA C 15 21.61 -36.53 9.46
N GLU C 16 21.19 -36.64 8.20
CA GLU C 16 22.15 -36.64 7.09
C GLU C 16 22.70 -35.25 6.83
N PHE C 17 21.98 -34.21 7.23
CA PHE C 17 22.46 -32.84 7.12
C PHE C 17 23.46 -32.49 8.21
N LYS C 18 23.54 -33.28 9.28
CA LYS C 18 24.55 -33.06 10.30
C LYS C 18 25.93 -33.51 9.81
N GLU C 19 25.97 -34.47 8.88
CA GLU C 19 27.24 -34.95 8.37
C GLU C 19 27.82 -33.98 7.34
N ALA C 20 26.96 -33.36 6.53
CA ALA C 20 27.43 -32.33 5.60
C ALA C 20 27.84 -31.07 6.35
N PHE C 21 27.13 -30.75 7.43
CA PHE C 21 27.52 -29.62 8.28
C PHE C 21 28.87 -29.89 8.93
N SER C 22 29.05 -31.10 9.47
CA SER C 22 30.28 -31.43 10.19
C SER C 22 31.48 -31.37 9.25
N LEU C 23 31.29 -31.70 7.98
CA LEU C 23 32.39 -31.65 7.02
C LEU C 23 32.89 -30.22 6.82
N PHE C 24 32.03 -29.22 6.97
CA PHE C 24 32.46 -27.84 6.87
C PHE C 24 32.81 -27.23 8.23
N ASP C 25 32.58 -27.97 9.31
CA ASP C 25 32.93 -27.55 10.67
C ASP C 25 34.36 -28.04 10.90
N LYS C 26 35.34 -27.22 10.52
CA LYS C 26 36.72 -27.70 10.47
C LYS C 26 37.37 -27.79 11.86
N ASP C 27 36.92 -27.01 12.83
CA ASP C 27 37.47 -27.09 14.18
C ASP C 27 36.53 -27.78 15.15
N GLY C 28 35.45 -28.39 14.65
CA GLY C 28 34.53 -29.11 15.51
C GLY C 28 33.90 -28.28 16.60
N ASP C 29 33.65 -27.00 16.35
CA ASP C 29 33.01 -26.14 17.34
C ASP C 29 31.54 -25.89 17.02
N GLY C 30 30.95 -26.73 16.16
CA GLY C 30 29.55 -26.60 15.81
C GLY C 30 29.19 -25.43 14.92
N THR C 31 30.11 -24.91 14.13
CA THR C 31 29.84 -23.76 13.25
C THR C 31 30.35 -24.00 11.84
N ILE C 32 29.63 -23.41 10.88
CA ILE C 32 30.08 -23.36 9.49
C ILE C 32 30.18 -21.90 9.08
N THR C 33 31.09 -21.63 8.16
CA THR C 33 31.30 -20.29 7.64
C THR C 33 30.14 -19.86 6.73
N THR C 34 29.89 -18.54 6.68
CA THR C 34 28.86 -18.03 5.78
C THR C 34 29.31 -18.03 4.33
N LYS C 35 30.63 -18.01 4.09
CA LYS C 35 31.14 -18.15 2.73
C LYS C 35 30.74 -19.51 2.15
N GLU C 36 30.96 -20.58 2.91
CA GLU C 36 30.54 -21.89 2.44
C GLU C 36 29.08 -22.19 2.75
N LEU C 37 28.34 -21.23 3.34
CA LEU C 37 26.94 -21.49 3.71
C LEU C 37 26.12 -21.96 2.51
N GLY C 38 26.41 -21.42 1.33
CA GLY C 38 25.77 -21.89 0.12
C GLY C 38 26.32 -23.23 -0.34
N THR C 39 27.66 -23.38 -0.25
CA THR C 39 28.30 -24.61 -0.65
C THR C 39 27.78 -25.81 0.13
N VAL C 40 27.42 -25.61 1.40
CA VAL C 40 26.91 -26.70 2.21
C VAL C 40 25.54 -27.16 1.70
N MET C 41 24.66 -26.20 1.41
CA MET C 41 23.32 -26.54 0.97
C MET C 41 23.34 -27.27 -0.37
N ARG C 42 24.13 -26.75 -1.33
CA ARG C 42 24.25 -27.39 -2.64
C ARG C 42 24.80 -28.81 -2.56
N SER C 43 25.27 -29.25 -1.41
CA SER C 43 25.71 -30.63 -1.22
C SER C 43 24.55 -31.49 -0.72
N THR C 67 29.59 -16.32 11.62
CA THR C 67 29.50 -17.76 11.82
C THR C 67 28.05 -18.21 11.96
N ILE C 68 27.73 -19.38 11.40
CA ILE C 68 26.41 -19.99 11.49
C ILE C 68 26.53 -21.29 12.27
N ASP C 69 25.79 -21.40 13.38
CA ASP C 69 25.80 -22.63 14.16
C ASP C 69 24.77 -23.61 13.60
N PHE C 70 24.67 -24.79 14.22
CA PHE C 70 23.84 -25.87 13.72
C PHE C 70 22.36 -25.62 13.98
N PRO C 71 21.95 -25.17 15.19
CA PRO C 71 20.54 -24.76 15.36
C PRO C 71 20.05 -23.80 14.28
N GLU C 72 20.88 -22.85 13.85
CA GLU C 72 20.51 -22.00 12.73
C GLU C 72 20.40 -22.79 11.44
N PHE C 73 21.37 -23.69 11.19
CA PHE C 73 21.40 -24.39 9.90
C PHE C 73 20.27 -25.42 9.79
N LEU C 74 19.94 -26.11 10.88
CA LEU C 74 18.82 -27.03 10.85
C LEU C 74 17.50 -26.32 10.55
N THR C 75 17.44 -25.01 10.79
CA THR C 75 16.26 -24.22 10.42
C THR C 75 16.25 -23.92 8.93
N MET C 76 17.40 -23.52 8.37
CA MET C 76 17.44 -23.18 6.95
C MET C 76 17.11 -24.37 6.07
N MET C 77 17.32 -25.60 6.58
CA MET C 77 16.94 -26.79 5.82
C MET C 77 15.43 -27.02 5.88
N ALA C 78 14.82 -26.89 7.07
CA ALA C 78 13.38 -27.07 7.19
C ALA C 78 12.61 -25.93 6.53
N ARG C 79 13.20 -24.74 6.47
CA ARG C 79 12.53 -23.57 5.89
C ARG C 79 12.27 -23.76 4.39
N THR C 84 4.87 -24.78 0.93
CA THR C 84 3.47 -24.50 0.64
C THR C 84 3.29 -23.82 -0.71
N ASP C 85 2.44 -24.37 -1.57
CA ASP C 85 2.19 -23.79 -2.89
C ASP C 85 1.01 -22.82 -2.83
N SER C 86 0.85 -22.05 -3.92
CA SER C 86 -0.16 -21.00 -3.94
C SER C 86 -1.57 -21.57 -3.83
N GLU C 87 -1.83 -22.69 -4.49
CA GLU C 87 -3.16 -23.29 -4.47
C GLU C 87 -3.64 -23.49 -3.05
N GLU C 88 -2.80 -24.08 -2.19
CA GLU C 88 -3.21 -24.41 -0.84
C GLU C 88 -3.44 -23.15 -0.01
N GLU C 89 -2.49 -22.20 -0.05
CA GLU C 89 -2.63 -20.97 0.71
C GLU C 89 -3.94 -20.26 0.37
N ILE C 90 -4.30 -20.23 -0.91
CA ILE C 90 -5.54 -19.56 -1.31
C ILE C 90 -6.75 -20.33 -0.79
N ARG C 91 -6.71 -21.66 -0.82
CA ARG C 91 -7.79 -22.44 -0.23
C ARG C 91 -7.93 -22.15 1.25
N GLU C 92 -6.81 -22.15 1.98
CA GLU C 92 -6.85 -21.82 3.41
C GLU C 92 -7.40 -20.42 3.63
N ALA C 93 -6.99 -19.46 2.81
CA ALA C 93 -7.50 -18.09 2.96
C ALA C 93 -9.01 -18.04 2.81
N PHE C 94 -9.55 -18.71 1.79
CA PHE C 94 -11.01 -18.76 1.66
C PHE C 94 -11.64 -19.46 2.87
N ARG C 95 -10.98 -20.49 3.39
CA ARG C 95 -11.56 -21.26 4.50
C ARG C 95 -11.74 -20.41 5.75
N VAL C 96 -10.89 -19.39 5.93
CA VAL C 96 -11.06 -18.47 7.06
C VAL C 96 -12.42 -17.81 7.01
N PHE C 97 -12.92 -17.53 5.82
CA PHE C 97 -14.20 -16.84 5.67
C PHE C 97 -15.38 -17.81 5.55
N ASP C 98 -15.12 -19.11 5.53
CA ASP C 98 -16.17 -20.13 5.54
C ASP C 98 -16.30 -20.68 6.97
N LYS C 99 -16.88 -19.84 7.83
CA LYS C 99 -16.84 -20.11 9.26
C LYS C 99 -17.43 -21.48 9.60
N ASP C 100 -18.52 -21.86 8.93
CA ASP C 100 -19.21 -23.10 9.21
C ASP C 100 -18.66 -24.29 8.43
N GLY C 101 -17.45 -24.17 7.87
CA GLY C 101 -16.83 -25.25 7.11
C GLY C 101 -17.70 -25.82 6.01
N ASN C 102 -18.54 -24.96 5.42
CA ASN C 102 -19.56 -25.43 4.48
C ASN C 102 -19.00 -25.76 3.10
N GLY C 103 -17.91 -25.11 2.69
CA GLY C 103 -17.41 -25.22 1.33
C GLY C 103 -17.89 -24.15 0.38
N TYR C 104 -18.72 -23.22 0.86
CA TYR C 104 -19.14 -22.08 0.06
C TYR C 104 -19.14 -20.84 0.94
N ILE C 105 -19.14 -19.67 0.28
CA ILE C 105 -19.27 -18.39 0.95
C ILE C 105 -20.37 -17.61 0.27
N SER C 106 -21.18 -16.92 1.08
CA SER C 106 -22.20 -16.01 0.55
C SER C 106 -21.56 -14.95 -0.33
N ALA C 107 -22.22 -14.63 -1.45
CA ALA C 107 -21.72 -13.59 -2.35
C ALA C 107 -21.73 -12.22 -1.67
N ALA C 108 -22.78 -11.91 -0.91
CA ALA C 108 -22.80 -10.64 -0.19
C ALA C 108 -21.71 -10.59 0.87
N GLU C 109 -21.40 -11.73 1.50
CA GLU C 109 -20.35 -11.75 2.51
C GLU C 109 -18.97 -11.61 1.87
N LEU C 110 -18.71 -12.37 0.81
CA LEU C 110 -17.45 -12.24 0.08
C LEU C 110 -17.25 -10.81 -0.40
N ARG C 111 -18.30 -10.17 -0.91
CA ARG C 111 -18.17 -8.78 -1.34
C ARG C 111 -17.81 -7.88 -0.16
N HIS C 112 -18.48 -8.07 0.98
CA HIS C 112 -18.24 -7.22 2.13
C HIS C 112 -16.79 -7.28 2.57
N VAL C 113 -16.21 -8.48 2.59
CA VAL C 113 -14.83 -8.67 3.01
C VAL C 113 -13.85 -8.15 1.96
N MET C 114 -14.13 -8.43 0.68
CA MET C 114 -13.18 -8.08 -0.38
C MET C 114 -13.06 -6.58 -0.57
N THR C 115 -14.16 -5.84 -0.41
CA THR C 115 -14.12 -4.40 -0.61
C THR C 115 -13.74 -3.63 0.65
N ASN C 116 -13.67 -4.27 1.81
CA ASN C 116 -13.43 -3.54 3.06
C ASN C 116 -12.11 -3.88 3.76
N LEU C 117 -11.54 -5.05 3.51
CA LEU C 117 -10.34 -5.49 4.20
C LEU C 117 -9.17 -5.51 3.22
N GLY C 118 -7.96 -5.39 3.79
CA GLY C 118 -6.72 -5.62 3.06
C GLY C 118 -6.57 -4.69 1.88
N GLU C 119 -6.15 -5.24 0.74
CA GLU C 119 -6.07 -4.50 -0.52
C GLU C 119 -7.48 -4.43 -1.09
N LYS C 120 -8.20 -3.37 -0.74
CA LYS C 120 -9.64 -3.27 -0.98
C LYS C 120 -10.01 -3.35 -2.46
N LEU C 121 -10.65 -4.44 -2.88
CA LEU C 121 -11.08 -4.56 -4.27
C LEU C 121 -12.18 -3.55 -4.58
N THR C 122 -12.28 -3.17 -5.86
CA THR C 122 -13.41 -2.36 -6.27
C THR C 122 -14.65 -3.23 -6.43
N ASP C 123 -15.81 -2.56 -6.51
CA ASP C 123 -17.05 -3.30 -6.73
C ASP C 123 -17.06 -3.99 -8.09
N GLU C 124 -16.50 -3.35 -9.13
CA GLU C 124 -16.46 -4.01 -10.42
C GLU C 124 -15.49 -5.20 -10.42
N GLU C 125 -14.41 -5.12 -9.64
CA GLU C 125 -13.57 -6.30 -9.46
C GLU C 125 -14.36 -7.43 -8.79
N VAL C 126 -15.09 -7.11 -7.72
CA VAL C 126 -15.87 -8.15 -7.05
C VAL C 126 -16.96 -8.70 -7.96
N ASP C 127 -17.60 -7.83 -8.78
CA ASP C 127 -18.55 -8.32 -9.78
C ASP C 127 -17.91 -9.38 -10.67
N GLU C 128 -16.71 -9.11 -11.18
CA GLU C 128 -16.01 -10.11 -11.99
C GLU C 128 -15.76 -11.39 -11.20
N MET C 129 -15.33 -11.26 -9.93
CA MET C 129 -15.06 -12.43 -9.11
C MET C 129 -16.30 -13.28 -8.93
N ILE C 130 -17.42 -12.64 -8.58
CA ILE C 130 -18.67 -13.37 -8.34
C ILE C 130 -19.19 -14.01 -9.63
N ARG C 131 -19.08 -13.31 -10.77
CA ARG C 131 -19.51 -13.89 -12.04
C ARG C 131 -18.86 -15.25 -12.29
N GLU C 132 -17.56 -15.35 -12.07
CA GLU C 132 -16.88 -16.62 -12.32
C GLU C 132 -16.92 -17.57 -11.14
N ALA C 133 -17.17 -17.08 -9.92
CA ALA C 133 -17.10 -17.93 -8.73
C ALA C 133 -18.46 -18.43 -8.26
N ASP C 134 -19.55 -17.77 -8.63
CA ASP C 134 -20.90 -18.26 -8.32
C ASP C 134 -21.28 -19.20 -9.47
N ILE C 135 -21.02 -20.49 -9.28
CA ILE C 135 -21.22 -21.45 -10.36
C ILE C 135 -22.70 -21.64 -10.67
N ASP C 136 -23.55 -21.67 -9.64
CA ASP C 136 -24.97 -21.97 -9.83
C ASP C 136 -25.83 -20.73 -10.04
N GLY C 137 -25.40 -19.57 -9.56
CA GLY C 137 -26.17 -18.35 -9.68
C GLY C 137 -27.09 -18.06 -8.53
N ASP C 138 -27.05 -18.86 -7.46
CA ASP C 138 -27.90 -18.68 -6.29
C ASP C 138 -27.35 -17.65 -5.31
N GLY C 139 -26.20 -17.05 -5.60
CA GLY C 139 -25.59 -16.12 -4.67
C GLY C 139 -24.68 -16.77 -3.66
N GLN C 140 -24.19 -17.98 -3.92
CA GLN C 140 -23.27 -18.69 -3.04
C GLN C 140 -22.02 -19.04 -3.84
N VAL C 141 -20.85 -18.70 -3.29
CA VAL C 141 -19.60 -18.82 -4.03
C VAL C 141 -18.94 -20.15 -3.67
N ASN C 142 -18.83 -21.02 -4.66
CA ASN C 142 -18.00 -22.21 -4.59
C ASN C 142 -16.52 -21.81 -4.68
N TYR C 143 -15.86 -21.61 -3.54
CA TYR C 143 -14.50 -21.09 -3.61
C TYR C 143 -13.49 -22.15 -4.02
N GLU C 144 -13.76 -23.42 -3.76
CA GLU C 144 -12.80 -24.45 -4.15
C GLU C 144 -12.66 -24.51 -5.66
N GLU C 145 -13.77 -24.41 -6.38
CA GLU C 145 -13.69 -24.34 -7.84
C GLU C 145 -12.97 -23.08 -8.29
N PHE C 146 -13.29 -21.94 -7.66
CA PHE C 146 -12.68 -20.68 -8.06
C PHE C 146 -11.18 -20.70 -7.87
N VAL C 147 -10.70 -21.32 -6.80
CA VAL C 147 -9.26 -21.38 -6.55
C VAL C 147 -8.54 -21.98 -7.76
N GLN C 148 -9.05 -23.11 -8.25
CA GLN C 148 -8.40 -23.72 -9.41
C GLN C 148 -8.63 -22.90 -10.67
N MET C 149 -9.82 -22.28 -10.80
CA MET C 149 -10.03 -21.34 -11.90
C MET C 149 -8.92 -20.30 -11.97
N MET C 150 -8.54 -19.74 -10.82
CA MET C 150 -7.47 -18.74 -10.78
C MET C 150 -6.11 -19.36 -11.07
N THR C 151 -5.70 -20.32 -10.25
CA THR C 151 -4.40 -20.97 -10.39
C THR C 151 -4.35 -21.98 -11.55
N ALA C 152 -5.25 -21.87 -12.52
CA ALA C 152 -5.22 -22.71 -13.72
C ALA C 152 -3.99 -22.34 -14.55
N LYS C 153 -2.93 -23.12 -14.41
CA LYS C 153 -1.68 -22.88 -15.14
C LYS C 153 -1.90 -22.91 -16.66
C1 GOL D . 6.62 14.98 -4.28
O1 GOL D . 6.20 14.65 -5.59
C2 GOL D . 7.95 15.73 -4.29
O2 GOL D . 8.23 16.14 -5.63
C3 GOL D . 7.80 16.97 -3.40
O3 GOL D . 9.03 17.34 -2.83
C1 GOL E . -13.27 20.71 -12.44
O1 GOL E . -12.81 21.23 -13.68
C2 GOL E . -12.98 19.21 -12.37
O2 GOL E . -14.10 18.48 -12.85
C3 GOL E . -12.66 18.81 -10.92
O3 GOL E . -13.57 19.41 -10.02
C1 GOL F . 5.96 1.36 32.90
O1 GOL F . 6.41 1.66 31.60
C2 GOL F . 4.80 0.37 32.89
O2 GOL F . 4.72 -0.33 31.66
C3 GOL F . 3.50 1.15 33.12
O3 GOL F . 2.40 0.26 33.11
#